data_8XGW
#
_entry.id   8XGW
#
_cell.length_a   1.0
_cell.length_b   1.0
_cell.length_c   1.0
_cell.angle_alpha   90.0
_cell.angle_beta   90.0
_cell.angle_gamma   90.0
#
loop_
_entity.id
_entity.type
_entity.pdbx_description
1 polymer "DNA (5'-D(*CP*AP*CP*GP*TP*G)-3')"
2 non-polymer 5,6,7-trihydroxy-2-phenyl-4H-chromen-4-one
#
_entity_poly.entity_id   1
_entity_poly.type   'polydeoxyribonucleotide'
_entity_poly.pdbx_seq_one_letter_code
;(DC)(DA)(DC)(DG)(DT)(DG)
;
_entity_poly.pdbx_strand_id   A,B
#